data_7Z5Y
#
_entry.id   7Z5Y
#
_cell.length_a   42.160
_cell.length_b   101.960
_cell.length_c   46.190
_cell.angle_alpha   90.000
_cell.angle_beta   102.780
_cell.angle_gamma   90.000
#
_symmetry.space_group_name_H-M   'P 1 21 1'
#
loop_
_entity.id
_entity.type
_entity.pdbx_description
1 polymer 'UDP-N-acetylmuramoylpentapeptide-lysine N(6)-alanyltransferase'
2 polymer "HNA (5'-D(P*(6HA)P*(6HC)P*(6HC))-R(P*(A9Z))-3')"
3 polymer UDP-MurNAc-pentapeptide
4 non-polymer GLYCEROL
5 non-polymer "URIDINE-5'-DIPHOSPHATE"
6 non-polymer 'N-acetyl-alpha-muramic acid'
7 water water
#
loop_
_entity_poly.entity_id
_entity_poly.type
_entity_poly.pdbx_seq_one_letter_code
_entity_poly.pdbx_strand_id
1 'polypeptide(L)'
;MPVLNLNDPQAVERYEEFMRQSPYGQVTQDLGWAKVKNNWEPVDVYLEDDQGAIIAAMSMLLGDTPTDKKFAYASKGPVM
DVTDVDLLDRLVDEAVKALDGRAYVLRFDPEVAYSDEFNTTLQDHGYVTRNRNVADAGMHATIQPRLNMVLDLTKFPDAK
TTLDLYPSKTKSKIKRPFRDGVEVHSGNSATELDEFFKTYTTMAERHGITHRPIEYFQRMQAAFDADTMRIFVAEREGKL
LSTGIALKYGRKIWYMYAGSMDGNTYYAPYAVQSEMIQWALDTNTDLYDLGGIESESTDDSLYVFKHVFVKDAPREYIGE
IDKVLDPEVYAELVKDGHHHHHH
;
A
2 'polydeoxyribonucleotide' (6HA)(6HC)(6HC)(A9Z) B
3 'polypeptide(L)' A(FGA)C(DAL)(DAL) C
#
# COMPACT_ATOMS: atom_id res chain seq x y z
N PRO A 2 -17.81 17.37 5.23
CA PRO A 2 -18.61 17.35 4.00
C PRO A 2 -18.30 16.15 3.12
N VAL A 3 -19.17 15.88 2.15
CA VAL A 3 -18.98 14.84 1.15
C VAL A 3 -18.42 15.51 -0.10
N LEU A 4 -17.47 14.84 -0.75
CA LEU A 4 -16.85 15.40 -1.94
C LEU A 4 -17.74 15.16 -3.16
N ASN A 5 -18.07 16.22 -3.88
CA ASN A 5 -18.77 16.11 -5.15
C ASN A 5 -17.75 15.78 -6.24
N LEU A 6 -17.78 14.55 -6.74
CA LEU A 6 -16.76 14.12 -7.70
C LEU A 6 -16.92 14.79 -9.06
N ASN A 7 -18.09 15.36 -9.35
CA ASN A 7 -18.29 16.07 -10.61
C ASN A 7 -17.91 17.55 -10.54
N ASP A 8 -17.36 18.01 -9.41
CA ASP A 8 -16.94 19.38 -9.17
C ASP A 8 -15.41 19.44 -9.23
N PRO A 9 -14.81 19.86 -10.34
CA PRO A 9 -13.33 19.78 -10.45
C PRO A 9 -12.59 20.64 -9.43
N GLN A 10 -13.14 21.78 -9.06
CA GLN A 10 -12.47 22.63 -8.08
C GLN A 10 -12.43 21.96 -6.69
N ALA A 11 -13.54 21.36 -6.26
CA ALA A 11 -13.54 20.59 -5.02
C ALA A 11 -12.56 19.43 -5.09
N VAL A 12 -12.52 18.73 -6.23
CA VAL A 12 -11.66 17.56 -6.38
C VAL A 12 -10.18 17.97 -6.32
N GLU A 13 -9.82 19.08 -6.96
CA GLU A 13 -8.43 19.55 -6.90
C GLU A 13 -8.03 19.95 -5.47
N ARG A 14 -8.97 20.54 -4.74
CA ARG A 14 -8.70 20.89 -3.35
C ARG A 14 -8.49 19.65 -2.50
N TYR A 15 -9.34 18.63 -2.71
CA TYR A 15 -9.19 17.35 -2.01
C TYR A 15 -7.87 16.68 -2.35
N GLU A 16 -7.52 16.65 -3.63
CA GLU A 16 -6.29 16.02 -4.07
C GLU A 16 -5.06 16.72 -3.52
N GLU A 17 -5.09 18.06 -3.48
CA GLU A 17 -3.94 18.81 -2.99
C GLU A 17 -3.71 18.57 -1.49
N PHE A 18 -4.79 18.41 -0.71
CA PHE A 18 -4.63 17.96 0.69
C PHE A 18 -3.99 16.58 0.74
N MET A 19 -4.49 15.64 -0.06
CA MET A 19 -3.99 14.27 -0.05
C MET A 19 -2.51 14.22 -0.44
N ARG A 20 -2.16 14.91 -1.53
CA ARG A 20 -0.81 14.84 -2.08
C ARG A 20 0.23 15.48 -1.18
N GLN A 21 -0.16 16.46 -0.36
CA GLN A 21 0.80 17.17 0.50
C GLN A 21 0.77 16.72 1.96
N SER A 22 -0.21 15.91 2.36
CA SER A 22 -0.23 15.42 3.73
C SER A 22 0.90 14.43 4.00
N PRO A 23 1.50 14.49 5.19
CA PRO A 23 2.43 13.43 5.60
C PRO A 23 1.73 12.11 5.86
N TYR A 24 0.40 12.10 5.95
CA TYR A 24 -0.35 10.85 6.10
C TYR A 24 -0.87 10.32 4.76
N GLY A 25 -0.51 10.97 3.66
CA GLY A 25 -1.04 10.58 2.36
C GLY A 25 -0.68 9.15 1.99
N GLN A 26 -1.62 8.50 1.31
CA GLN A 26 -1.41 7.15 0.81
C GLN A 26 -1.91 7.08 -0.63
N VAL A 27 -1.23 6.30 -1.47
CA VAL A 27 -1.69 6.15 -2.85
C VAL A 27 -3.10 5.55 -2.89
N THR A 28 -3.37 4.59 -2.01
CA THR A 28 -4.69 3.94 -2.02
C THR A 28 -5.79 4.83 -1.48
N GLN A 29 -5.45 6.02 -0.98
CA GLN A 29 -6.43 7.03 -0.60
C GLN A 29 -6.57 8.14 -1.63
N ASP A 30 -5.66 8.20 -2.59
CA ASP A 30 -5.81 9.12 -3.71
C ASP A 30 -7.08 8.81 -4.50
N LEU A 31 -7.68 9.86 -5.06
CA LEU A 31 -8.87 9.64 -5.88
C LEU A 31 -8.55 8.79 -7.12
N GLY A 32 -7.30 8.82 -7.60
CA GLY A 32 -6.87 7.94 -8.66
C GLY A 32 -7.06 6.47 -8.34
N TRP A 33 -7.08 6.12 -7.05
CA TRP A 33 -7.26 4.71 -6.70
C TRP A 33 -8.66 4.21 -7.04
N ALA A 34 -9.67 5.09 -6.98
CA ALA A 34 -11.00 4.70 -7.44
C ALA A 34 -11.00 4.33 -8.92
N LYS A 35 -10.17 5.01 -9.72
CA LYS A 35 -10.07 4.66 -11.13
C LYS A 35 -9.42 3.29 -11.33
N VAL A 36 -8.48 2.93 -10.46
CA VAL A 36 -7.92 1.58 -10.50
C VAL A 36 -8.99 0.56 -10.12
N LYS A 37 -9.64 0.77 -8.97
CA LYS A 37 -10.71 -0.08 -8.46
C LYS A 37 -12.04 0.26 -9.13
N ASN A 38 -12.09 0.12 -10.47
CA ASN A 38 -13.24 0.65 -11.17
C ASN A 38 -14.49 -0.20 -10.99
N ASN A 39 -14.39 -1.38 -10.41
CA ASN A 39 -15.55 -2.18 -10.02
C ASN A 39 -16.12 -1.84 -8.64
N TRP A 40 -15.57 -0.82 -7.94
CA TRP A 40 -16.06 -0.38 -6.64
C TRP A 40 -16.69 1.01 -6.77
N GLU A 41 -17.57 1.36 -5.81
CA GLU A 41 -18.17 2.70 -5.95
C GLU A 41 -17.51 3.68 -4.99
N PRO A 42 -17.05 4.84 -5.45
CA PRO A 42 -16.31 5.74 -4.55
C PRO A 42 -17.22 6.67 -3.78
N VAL A 43 -16.88 6.87 -2.50
CA VAL A 43 -17.55 7.83 -1.62
C VAL A 43 -16.48 8.49 -0.75
N ASP A 44 -16.30 9.80 -0.89
CA ASP A 44 -15.19 10.51 -0.28
C ASP A 44 -15.68 11.64 0.61
N VAL A 45 -15.09 11.76 1.80
CA VAL A 45 -15.47 12.80 2.74
C VAL A 45 -14.21 13.45 3.32
N TYR A 46 -14.41 14.65 3.88
CA TYR A 46 -13.34 15.41 4.50
C TYR A 46 -13.93 16.28 5.62
N LEU A 47 -13.02 16.84 6.43
CA LEU A 47 -13.32 17.83 7.46
C LEU A 47 -12.52 19.09 7.20
N GLU A 48 -13.10 20.24 7.57
CA GLU A 48 -12.44 21.54 7.45
C GLU A 48 -12.18 22.14 8.84
N ASP A 49 -11.12 22.95 8.94
CA ASP A 49 -10.84 23.70 10.16
C ASP A 49 -11.64 25.00 10.12
N ASP A 50 -11.41 25.88 11.11
CA ASP A 50 -12.18 27.12 11.21
C ASP A 50 -11.96 28.03 10.01
N GLN A 51 -10.80 27.92 9.36
CA GLN A 51 -10.48 28.69 8.15
C GLN A 51 -10.99 28.03 6.88
N GLY A 52 -11.58 26.85 6.97
CA GLY A 52 -12.09 26.19 5.79
C GLY A 52 -11.08 25.33 5.04
N ALA A 53 -9.83 25.27 5.51
CA ALA A 53 -8.86 24.36 4.91
C ALA A 53 -9.13 22.92 5.33
N ILE A 54 -8.97 21.99 4.39
CA ILE A 54 -9.12 20.58 4.71
C ILE A 54 -8.06 20.17 5.73
N ILE A 55 -8.47 19.47 6.78
CA ILE A 55 -7.51 18.92 7.75
C ILE A 55 -7.61 17.41 7.90
N ALA A 56 -8.58 16.76 7.23
CA ALA A 56 -8.77 15.32 7.32
C ALA A 56 -9.62 14.85 6.15
N ALA A 57 -9.25 13.71 5.56
CA ALA A 57 -10.00 13.17 4.45
C ALA A 57 -10.01 11.65 4.52
N MET A 58 -11.12 11.08 4.02
CA MET A 58 -11.34 9.64 3.91
C MET A 58 -11.88 9.27 2.53
N SER A 59 -11.11 8.49 1.77
CA SER A 59 -11.52 7.98 0.46
C SER A 59 -12.06 6.57 0.66
N MET A 60 -13.37 6.39 0.51
CA MET A 60 -13.87 5.04 0.65
C MET A 60 -14.30 4.48 -0.71
N LEU A 61 -14.32 3.15 -0.78
CA LEU A 61 -14.77 2.41 -1.94
C LEU A 61 -15.78 1.38 -1.45
N LEU A 62 -16.92 1.30 -2.13
CA LEU A 62 -18.01 0.44 -1.71
C LEU A 62 -18.07 -0.79 -2.60
N GLY A 63 -18.06 -1.97 -1.98
CA GLY A 63 -18.11 -3.20 -2.72
C GLY A 63 -19.31 -4.04 -2.37
N ASP A 64 -19.63 -5.00 -3.24
CA ASP A 64 -20.81 -5.83 -3.10
C ASP A 64 -20.53 -6.99 -2.16
N THR A 65 -21.60 -7.53 -1.59
CA THR A 65 -21.56 -8.67 -0.68
C THR A 65 -22.72 -9.59 -1.04
N PRO A 66 -22.76 -10.83 -0.48
CA PRO A 66 -23.95 -11.69 -0.65
C PRO A 66 -25.20 -11.23 0.08
N THR A 67 -25.18 -10.02 0.63
CA THR A 67 -26.34 -9.50 1.35
C THR A 67 -26.84 -8.24 0.67
N ASP A 68 -27.91 -7.67 1.22
CA ASP A 68 -28.43 -6.39 0.77
C ASP A 68 -27.46 -5.23 1.01
N LYS A 69 -26.37 -5.43 1.75
CA LYS A 69 -25.55 -4.31 2.19
C LYS A 69 -24.20 -4.27 1.47
N LYS A 70 -23.66 -3.05 1.32
CA LYS A 70 -22.33 -2.84 0.77
C LYS A 70 -21.28 -2.99 1.87
N PHE A 71 -20.06 -3.30 1.44
CA PHE A 71 -18.88 -3.27 2.29
C PHE A 71 -18.12 -2.00 1.91
N ALA A 72 -17.92 -1.11 2.89
CA ALA A 72 -17.25 0.17 2.62
C ALA A 72 -15.84 0.12 3.19
N TYR A 73 -14.86 0.47 2.36
CA TYR A 73 -13.46 0.20 2.69
C TYR A 73 -12.58 1.39 2.32
N ALA A 74 -11.90 1.98 3.31
CA ALA A 74 -10.96 3.08 3.12
C ALA A 74 -9.53 2.54 3.30
N SER A 75 -8.95 2.11 2.20
CA SER A 75 -7.70 1.35 2.19
C SER A 75 -6.53 2.23 2.62
N LYS A 76 -5.84 1.78 3.67
CA LYS A 76 -4.79 2.54 4.35
C LYS A 76 -5.24 3.97 4.66
N GLY A 77 -6.53 4.17 4.92
CA GLY A 77 -7.00 5.48 5.31
C GLY A 77 -7.39 5.49 6.77
N PRO A 78 -7.87 6.62 7.29
CA PRO A 78 -8.00 7.92 6.64
C PRO A 78 -6.67 8.63 6.56
N VAL A 79 -6.68 9.81 5.97
CA VAL A 79 -5.49 10.63 5.83
C VAL A 79 -5.61 11.75 6.86
N MET A 80 -4.90 11.55 7.98
CA MET A 80 -4.95 12.32 9.21
C MET A 80 -4.19 11.52 10.25
N ASP A 81 -3.99 12.07 11.45
CA ASP A 81 -3.40 11.34 12.57
C ASP A 81 -4.51 10.53 13.26
N VAL A 82 -4.57 9.22 12.98
CA VAL A 82 -5.68 8.42 13.49
C VAL A 82 -5.60 8.21 15.01
N THR A 83 -4.43 8.47 15.62
CA THR A 83 -4.32 8.43 17.08
C THR A 83 -5.06 9.57 17.75
N ASP A 84 -5.42 10.60 17.00
CA ASP A 84 -6.21 11.70 17.55
C ASP A 84 -7.66 11.26 17.33
N VAL A 85 -8.11 10.39 18.25
CA VAL A 85 -9.33 9.61 18.02
C VAL A 85 -10.57 10.49 18.03
N ASP A 86 -10.58 11.58 18.81
CA ASP A 86 -11.69 12.51 18.77
C ASP A 86 -11.87 13.08 17.37
N LEU A 87 -10.76 13.46 16.73
CA LEU A 87 -10.86 13.92 15.35
C LEU A 87 -11.32 12.79 14.44
N LEU A 88 -10.85 11.57 14.70
CA LEU A 88 -11.24 10.41 13.89
C LEU A 88 -12.75 10.15 13.97
N ASP A 89 -13.33 10.25 15.17
CA ASP A 89 -14.78 10.10 15.32
C ASP A 89 -15.55 11.10 14.47
N ARG A 90 -15.09 12.35 14.42
CA ARG A 90 -15.75 13.36 13.60
C ARG A 90 -15.70 13.00 12.12
N LEU A 91 -14.54 12.55 11.63
CA LEU A 91 -14.42 12.21 10.22
C LEU A 91 -15.23 10.96 9.88
N VAL A 92 -15.20 9.96 10.75
CA VAL A 92 -15.99 8.76 10.56
C VAL A 92 -17.47 9.09 10.61
N ASP A 93 -17.86 9.99 11.52
CA ASP A 93 -19.24 10.48 11.56
C ASP A 93 -19.65 11.01 10.19
N GLU A 94 -18.79 11.82 9.56
CA GLU A 94 -19.07 12.33 8.22
C GLU A 94 -19.20 11.20 7.21
N ALA A 95 -18.29 10.22 7.29
CA ALA A 95 -18.32 9.09 6.37
C ALA A 95 -19.62 8.32 6.50
N VAL A 96 -20.13 8.20 7.73
CA VAL A 96 -21.34 7.42 8.00
C VAL A 96 -22.56 8.11 7.41
N LYS A 97 -22.66 9.43 7.57
CA LYS A 97 -23.72 10.20 6.90
C LYS A 97 -23.67 10.05 5.38
N ALA A 98 -22.47 10.06 4.79
CA ALA A 98 -22.35 9.93 3.34
C ALA A 98 -22.80 8.56 2.86
N LEU A 99 -22.56 7.51 3.66
CA LEU A 99 -22.92 6.16 3.26
C LEU A 99 -24.44 5.95 3.27
N ASP A 100 -25.17 6.64 4.15
CA ASP A 100 -26.65 6.66 4.12
C ASP A 100 -27.26 5.28 4.34
N GLY A 101 -26.65 4.48 5.21
CA GLY A 101 -27.21 3.17 5.53
C GLY A 101 -27.06 2.13 4.44
N ARG A 102 -26.22 2.37 3.45
CA ARG A 102 -26.02 1.39 2.39
C ARG A 102 -24.96 0.35 2.74
N ALA A 103 -24.14 0.59 3.74
CA ALA A 103 -23.05 -0.33 4.06
C ALA A 103 -23.25 -0.94 5.43
N TYR A 104 -22.80 -2.19 5.59
CA TYR A 104 -22.88 -2.84 6.89
C TYR A 104 -21.69 -2.48 7.79
N VAL A 105 -20.59 -2.00 7.21
CA VAL A 105 -19.39 -1.67 7.96
C VAL A 105 -18.64 -0.60 7.16
N LEU A 106 -17.92 0.25 7.87
CA LEU A 106 -16.83 1.05 7.30
C LEU A 106 -15.53 0.56 7.92
N ARG A 107 -14.66 -0.02 7.09
CA ARG A 107 -13.37 -0.55 7.52
C ARG A 107 -12.25 0.36 7.05
N PHE A 108 -11.32 0.70 7.94
CA PHE A 108 -10.10 1.37 7.54
C PHE A 108 -8.92 0.71 8.22
N ASP A 109 -7.77 0.67 7.51
CA ASP A 109 -6.58 -0.02 7.98
C ASP A 109 -5.36 0.90 7.83
N PRO A 110 -5.22 1.89 8.70
CA PRO A 110 -4.15 2.88 8.54
C PRO A 110 -2.80 2.31 8.94
N GLU A 111 -1.75 2.90 8.35
CA GLU A 111 -0.37 2.47 8.60
C GLU A 111 0.17 3.18 9.85
N VAL A 112 -0.39 2.77 10.98
CA VAL A 112 -0.02 3.28 12.29
C VAL A 112 0.28 2.06 13.15
N ALA A 113 1.34 2.14 13.97
CA ALA A 113 1.81 0.97 14.67
C ALA A 113 0.74 0.44 15.64
N TYR A 114 0.70 -0.88 15.81
CA TYR A 114 -0.11 -1.43 16.88
C TYR A 114 0.44 -0.99 18.24
N SER A 115 -0.46 -0.72 19.18
CA SER A 115 -0.10 -0.62 20.60
C SER A 115 -1.33 -0.99 21.42
N ASP A 116 -1.08 -1.52 22.63
CA ASP A 116 -2.18 -1.92 23.49
C ASP A 116 -3.09 -0.74 23.82
N GLU A 117 -2.48 0.41 24.12
CA GLU A 117 -3.27 1.59 24.52
C GLU A 117 -4.11 2.13 23.36
N PHE A 118 -3.53 2.20 22.15
CA PHE A 118 -4.32 2.64 20.99
C PHE A 118 -5.46 1.65 20.69
N ASN A 119 -5.18 0.35 20.74
CA ASN A 119 -6.22 -0.66 20.52
C ASN A 119 -7.35 -0.51 21.53
N THR A 120 -6.99 -0.31 22.81
CA THR A 120 -7.99 -0.13 23.86
C THR A 120 -8.81 1.13 23.64
N THR A 121 -8.18 2.23 23.24
CA THR A 121 -8.94 3.46 22.97
C THR A 121 -9.94 3.26 21.84
N LEU A 122 -9.50 2.68 20.72
CA LEU A 122 -10.42 2.46 19.61
C LEU A 122 -11.64 1.66 20.07
N GLN A 123 -11.39 0.60 20.83
CA GLN A 123 -12.49 -0.23 21.33
C GLN A 123 -13.39 0.56 22.26
N ASP A 124 -12.80 1.41 23.11
CA ASP A 124 -13.59 2.27 23.99
C ASP A 124 -14.49 3.21 23.21
N HIS A 125 -14.06 3.67 22.04
CA HIS A 125 -14.92 4.52 21.22
C HIS A 125 -15.90 3.71 20.35
N GLY A 126 -15.99 2.41 20.56
CA GLY A 126 -16.98 1.61 19.87
C GLY A 126 -16.53 0.93 18.59
N TYR A 127 -15.27 1.08 18.17
CA TYR A 127 -14.82 0.35 16.98
C TYR A 127 -14.48 -1.10 17.34
N VAL A 128 -14.63 -1.97 16.37
CA VAL A 128 -14.18 -3.35 16.46
C VAL A 128 -12.84 -3.41 15.74
N THR A 129 -11.79 -3.88 16.42
CA THR A 129 -10.47 -3.96 15.80
C THR A 129 -10.12 -5.41 15.48
N ARG A 130 -9.34 -5.57 14.40
CA ARG A 130 -8.88 -6.88 13.92
C ARG A 130 -7.36 -6.81 13.75
N ASN A 131 -6.63 -7.38 14.71
CA ASN A 131 -5.17 -7.38 14.63
C ASN A 131 -4.62 -8.63 15.32
N ARG A 132 -4.15 -8.54 16.56
CA ARG A 132 -3.53 -9.72 17.16
C ARG A 132 -4.56 -10.78 17.52
N ASN A 133 -5.85 -10.41 17.59
CA ASN A 133 -6.89 -11.38 17.88
C ASN A 133 -7.20 -12.31 16.69
N VAL A 134 -6.80 -11.94 15.47
CA VAL A 134 -6.94 -12.81 14.31
C VAL A 134 -5.59 -13.19 13.71
N ALA A 135 -4.50 -12.93 14.42
CA ALA A 135 -3.16 -13.17 13.88
C ALA A 135 -2.97 -14.63 13.49
N ASP A 136 -3.61 -15.56 14.21
CA ASP A 136 -3.35 -16.97 13.95
C ASP A 136 -3.81 -17.42 12.56
N ALA A 137 -4.68 -16.64 11.90
CA ALA A 137 -5.13 -16.98 10.55
C ALA A 137 -4.17 -16.55 9.46
N GLY A 138 -3.01 -16.01 9.81
CA GLY A 138 -1.99 -15.71 8.84
C GLY A 138 -2.11 -14.35 8.18
N MET A 139 -1.28 -14.17 7.16
CA MET A 139 -1.16 -12.86 6.50
C MET A 139 -2.48 -12.37 5.91
N HIS A 140 -3.33 -13.29 5.46
CA HIS A 140 -4.60 -12.89 4.85
C HIS A 140 -5.76 -12.88 5.84
N ALA A 141 -5.48 -12.87 7.15
CA ALA A 141 -6.52 -12.62 8.13
C ALA A 141 -7.12 -11.22 7.95
N THR A 142 -6.32 -10.29 7.46
CA THR A 142 -6.72 -8.96 7.06
C THR A 142 -6.57 -8.84 5.54
N ILE A 143 -7.24 -7.82 4.96
CA ILE A 143 -7.16 -7.57 3.52
C ILE A 143 -5.72 -7.23 3.12
N GLN A 144 -5.11 -6.17 3.80
CA GLN A 144 -3.69 -5.87 3.62
C GLN A 144 -2.87 -6.56 4.70
N PRO A 145 -1.65 -6.97 4.39
CA PRO A 145 -0.76 -7.48 5.45
C PRO A 145 -0.54 -6.45 6.55
N ARG A 146 -0.63 -6.92 7.79
CA ARG A 146 -0.43 -6.06 8.97
C ARG A 146 1.03 -5.87 9.33
N LEU A 147 1.88 -6.89 9.12
CA LEU A 147 3.32 -6.81 9.31
C LEU A 147 4.01 -6.43 8.02
N ASN A 148 4.84 -5.40 8.08
CA ASN A 148 5.39 -4.85 6.87
C ASN A 148 6.85 -4.51 7.08
N MET A 149 7.62 -4.66 6.00
CA MET A 149 9.06 -4.45 6.04
C MET A 149 9.37 -3.07 5.44
N VAL A 150 9.71 -2.12 6.31
CA VAL A 150 9.85 -0.72 5.91
C VAL A 150 11.25 -0.22 6.25
N LEU A 151 11.92 0.36 5.25
CA LEU A 151 13.28 0.89 5.39
C LEU A 151 13.19 2.38 5.70
N ASP A 152 13.70 2.77 6.86
CA ASP A 152 13.65 4.17 7.30
C ASP A 152 14.91 4.85 6.77
N LEU A 153 14.78 5.61 5.69
CA LEU A 153 15.92 6.26 5.08
C LEU A 153 16.38 7.50 5.84
N THR A 154 15.55 8.03 6.74
CA THR A 154 15.97 9.18 7.53
C THR A 154 17.09 8.84 8.53
N LYS A 155 17.31 7.55 8.80
CA LYS A 155 18.46 7.12 9.59
C LYS A 155 19.79 7.28 8.87
N PHE A 156 19.77 7.58 7.56
CA PHE A 156 20.97 7.68 6.74
C PHE A 156 20.97 9.01 5.97
N PRO A 157 21.09 10.14 6.67
CA PRO A 157 20.90 11.44 6.00
C PRO A 157 21.94 11.76 4.94
N ASP A 158 23.11 11.13 4.96
CA ASP A 158 24.15 11.43 4.01
C ASP A 158 24.32 10.34 2.96
N ALA A 159 23.45 9.33 2.93
CA ALA A 159 23.54 8.29 1.92
C ALA A 159 23.32 8.87 0.53
N LYS A 160 24.24 8.58 -0.38
CA LYS A 160 24.10 8.99 -1.77
C LYS A 160 23.59 7.88 -2.67
N THR A 161 24.00 6.63 -2.40
CA THR A 161 23.56 5.50 -3.20
C THR A 161 23.07 4.40 -2.28
N THR A 162 22.36 3.44 -2.89
CA THR A 162 21.78 2.32 -2.16
C THR A 162 22.81 1.61 -1.30
N LEU A 163 24.05 1.45 -1.82
CA LEU A 163 25.07 0.69 -1.09
C LEU A 163 25.45 1.38 0.23
N ASP A 164 25.29 2.70 0.33
CA ASP A 164 25.60 3.41 1.57
C ASP A 164 24.73 2.97 2.76
N LEU A 165 23.65 2.22 2.52
CA LEU A 165 22.74 1.81 3.58
C LEU A 165 23.06 0.46 4.21
N TYR A 166 24.12 -0.21 3.77
CA TYR A 166 24.16 -1.65 4.01
C TYR A 166 25.52 -2.11 4.48
N PRO A 167 25.56 -3.17 5.29
CA PRO A 167 26.85 -3.80 5.65
C PRO A 167 27.50 -4.44 4.45
N SER A 168 28.82 -4.64 4.59
CA SER A 168 29.64 -5.16 3.49
C SER A 168 29.07 -6.46 2.92
N LYS A 169 28.55 -7.35 3.77
CA LYS A 169 28.02 -8.61 3.26
C LYS A 169 26.85 -8.37 2.30
N THR A 170 25.99 -7.40 2.61
CA THR A 170 24.85 -7.09 1.75
C THR A 170 25.26 -6.29 0.53
N LYS A 171 26.23 -5.37 0.68
CA LYS A 171 26.81 -4.73 -0.49
C LYS A 171 27.14 -5.76 -1.57
N SER A 172 27.86 -6.83 -1.20
CA SER A 172 28.22 -7.90 -2.13
C SER A 172 27.00 -8.47 -2.84
N LYS A 173 25.97 -8.83 -2.08
CA LYS A 173 24.73 -9.36 -2.66
C LYS A 173 24.15 -8.39 -3.68
N ILE A 174 24.14 -7.09 -3.37
CA ILE A 174 23.56 -6.12 -4.28
C ILE A 174 24.43 -5.97 -5.52
N LYS A 175 25.76 -5.97 -5.34
CA LYS A 175 26.68 -5.78 -6.45
C LYS A 175 26.61 -6.91 -7.47
N ARG A 176 26.29 -8.15 -7.02
CA ARG A 176 26.31 -9.39 -7.82
C ARG A 176 25.58 -9.27 -9.15
N PRO A 177 24.28 -8.91 -9.21
CA PRO A 177 23.62 -8.89 -10.53
C PRO A 177 24.24 -7.88 -11.48
N PHE A 178 24.64 -6.71 -10.97
CA PHE A 178 25.21 -5.71 -11.84
C PHE A 178 26.56 -6.18 -12.37
N ARG A 179 27.38 -6.80 -11.51
CA ARG A 179 28.63 -7.34 -11.97
C ARG A 179 28.43 -8.36 -13.08
N ASP A 180 27.37 -9.19 -12.99
CA ASP A 180 27.10 -10.24 -13.94
C ASP A 180 26.30 -9.76 -15.16
N GLY A 181 26.21 -8.46 -15.38
CA GLY A 181 25.62 -7.91 -16.58
C GLY A 181 24.17 -7.45 -16.48
N VAL A 182 23.50 -7.58 -15.33
CA VAL A 182 22.12 -7.12 -15.25
C VAL A 182 22.07 -5.61 -15.35
N GLU A 183 21.15 -5.10 -16.15
CA GLU A 183 20.90 -3.66 -16.26
C GLU A 183 19.42 -3.42 -16.01
N VAL A 184 19.11 -2.28 -15.39
CA VAL A 184 17.74 -1.92 -15.04
C VAL A 184 17.42 -0.61 -15.71
N HIS A 185 16.27 -0.53 -16.36
CA HIS A 185 15.72 0.72 -16.85
C HIS A 185 14.35 0.90 -16.23
N SER A 186 13.80 2.10 -16.36
CA SER A 186 12.53 2.38 -15.69
C SER A 186 11.74 3.40 -16.47
N GLY A 187 10.43 3.36 -16.28
CA GLY A 187 9.54 4.29 -16.94
C GLY A 187 8.13 3.89 -16.59
N ASN A 188 7.18 4.60 -17.19
CA ASN A 188 5.77 4.27 -16.97
C ASN A 188 4.99 4.30 -18.28
N SER A 189 5.49 3.62 -19.30
CA SER A 189 4.81 3.52 -20.59
C SER A 189 4.26 2.12 -20.81
N ALA A 190 3.54 1.96 -21.94
CA ALA A 190 2.98 0.67 -22.33
C ALA A 190 4.07 -0.37 -22.53
N THR A 191 5.24 0.04 -23.04
CA THR A 191 6.36 -0.88 -23.20
C THR A 191 6.74 -1.56 -21.89
N GLU A 192 7.01 -0.76 -20.85
CA GLU A 192 7.38 -1.33 -19.54
C GLU A 192 6.23 -2.16 -18.97
N LEU A 193 5.00 -1.67 -19.10
CA LEU A 193 3.86 -2.43 -18.59
C LEU A 193 3.82 -3.84 -19.20
N ASP A 194 4.01 -3.95 -20.52
CA ASP A 194 4.04 -5.27 -21.14
C ASP A 194 5.17 -6.12 -20.58
N GLU A 195 6.36 -5.53 -20.39
CA GLU A 195 7.46 -6.28 -19.79
C GLU A 195 7.10 -6.75 -18.39
N PHE A 196 6.58 -5.84 -17.56
CA PHE A 196 6.09 -6.25 -16.24
C PHE A 196 5.09 -7.40 -16.36
N PHE A 197 4.11 -7.26 -17.26
CA PHE A 197 3.00 -8.22 -17.26
C PHE A 197 3.46 -9.62 -17.60
N LYS A 198 4.39 -9.75 -18.57
CA LYS A 198 4.98 -11.06 -18.89
C LYS A 198 5.62 -11.69 -17.66
N THR A 199 6.43 -10.92 -16.91
CA THR A 199 7.07 -11.48 -15.71
C THR A 199 6.06 -11.74 -14.61
N TYR A 200 5.03 -10.88 -14.51
CA TYR A 200 4.00 -11.03 -13.50
C TYR A 200 3.18 -12.31 -13.71
N THR A 201 2.70 -12.53 -14.94
CA THR A 201 1.93 -13.73 -15.20
C THR A 201 2.80 -14.98 -15.13
N THR A 202 4.10 -14.86 -15.44
CA THR A 202 4.97 -16.04 -15.37
C THR A 202 5.17 -16.47 -13.92
N MET A 203 5.54 -15.52 -13.06
CA MET A 203 5.63 -15.77 -11.62
C MET A 203 4.31 -16.32 -11.08
N ALA A 204 3.18 -15.75 -11.50
CA ALA A 204 1.88 -16.16 -10.97
C ALA A 204 1.64 -17.65 -11.21
N GLU A 205 1.83 -18.09 -12.45
CA GLU A 205 1.68 -19.51 -12.78
C GLU A 205 2.69 -20.36 -12.03
N ARG A 206 3.90 -19.83 -11.81
CA ARG A 206 4.92 -20.62 -11.14
C ARG A 206 4.59 -20.85 -9.66
N HIS A 207 4.14 -19.82 -8.94
CA HIS A 207 3.78 -20.02 -7.54
C HIS A 207 2.37 -20.58 -7.34
N GLY A 208 1.61 -20.80 -8.42
CA GLY A 208 0.23 -21.24 -8.28
C GLY A 208 -0.65 -20.30 -7.48
N ILE A 209 -0.54 -18.99 -7.73
CA ILE A 209 -1.35 -17.98 -7.06
C ILE A 209 -2.15 -17.24 -8.12
N THR A 210 -3.11 -16.45 -7.64
CA THR A 210 -3.98 -15.68 -8.50
C THR A 210 -3.35 -14.34 -8.87
N HIS A 211 -3.80 -13.77 -9.99
CA HIS A 211 -3.16 -12.59 -10.57
C HIS A 211 -4.19 -11.70 -11.26
N ARG A 212 -3.91 -10.39 -11.25
CA ARG A 212 -4.84 -9.41 -11.79
C ARG A 212 -4.69 -9.26 -13.31
N PRO A 213 -5.78 -8.92 -14.00
CA PRO A 213 -5.70 -8.71 -15.45
C PRO A 213 -4.88 -7.47 -15.79
N ILE A 214 -4.42 -7.39 -17.04
CA ILE A 214 -3.54 -6.28 -17.42
C ILE A 214 -4.26 -4.94 -17.34
N GLU A 215 -5.58 -4.94 -17.53
CA GLU A 215 -6.33 -3.67 -17.47
C GLU A 215 -6.25 -3.01 -16.09
N TYR A 216 -6.06 -3.79 -15.02
CA TYR A 216 -5.85 -3.21 -13.69
C TYR A 216 -4.64 -2.29 -13.71
N PHE A 217 -3.54 -2.79 -14.24
CA PHE A 217 -2.31 -2.01 -14.30
C PHE A 217 -2.38 -0.89 -15.33
N GLN A 218 -3.10 -1.10 -16.43
CA GLN A 218 -3.31 -0.02 -17.39
C GLN A 218 -4.08 1.13 -16.77
N ARG A 219 -5.16 0.83 -16.04
CA ARG A 219 -5.87 1.88 -15.33
C ARG A 219 -4.94 2.59 -14.33
N MET A 220 -4.02 1.86 -13.72
CA MET A 220 -3.18 2.52 -12.73
C MET A 220 -2.18 3.42 -13.45
N GLN A 221 -1.69 2.99 -14.62
CA GLN A 221 -0.81 3.83 -15.44
C GLN A 221 -1.51 5.10 -15.91
N ALA A 222 -2.77 4.98 -16.31
CA ALA A 222 -3.52 6.16 -16.75
C ALA A 222 -3.81 7.12 -15.61
N ALA A 223 -3.93 6.61 -14.38
CA ALA A 223 -4.27 7.47 -13.25
C ALA A 223 -3.06 8.22 -12.69
N PHE A 224 -1.86 7.66 -12.78
CA PHE A 224 -0.69 8.22 -12.09
C PHE A 224 0.43 8.49 -13.09
N ASP A 225 1.05 9.67 -12.95
CA ASP A 225 2.14 10.08 -13.83
C ASP A 225 3.44 9.37 -13.45
N ALA A 226 4.46 9.58 -14.28
CA ALA A 226 5.71 8.83 -14.16
C ALA A 226 6.59 9.31 -13.02
N ASP A 227 6.21 10.41 -12.36
CA ASP A 227 6.83 10.85 -11.12
C ASP A 227 6.17 10.21 -9.91
N THR A 228 5.03 9.53 -10.09
CA THR A 228 4.33 8.81 -9.04
C THR A 228 4.44 7.30 -9.19
N MET A 229 4.24 6.80 -10.41
CA MET A 229 4.30 5.38 -10.71
C MET A 229 5.45 5.09 -11.67
N ARG A 230 6.28 4.12 -11.30
CA ARG A 230 7.45 3.80 -12.09
C ARG A 230 7.62 2.29 -12.11
N ILE A 231 7.74 1.75 -13.31
CA ILE A 231 8.03 0.33 -13.51
C ILE A 231 9.52 0.17 -13.78
N PHE A 232 10.16 -0.74 -13.04
CA PHE A 232 11.58 -1.03 -13.15
C PHE A 232 11.76 -2.37 -13.83
N VAL A 233 12.61 -2.43 -14.84
CA VAL A 233 12.75 -3.63 -15.69
C VAL A 233 14.22 -4.04 -15.74
N ALA A 234 14.53 -5.24 -15.25
CA ALA A 234 15.89 -5.76 -15.23
C ALA A 234 16.09 -6.75 -16.37
N GLU A 235 17.12 -6.51 -17.18
CA GLU A 235 17.49 -7.36 -18.31
C GLU A 235 18.96 -7.71 -18.23
N ARG A 236 19.34 -8.79 -18.89
CA ARG A 236 20.75 -9.11 -19.12
C ARG A 236 20.92 -9.41 -20.59
N GLU A 237 21.52 -8.49 -21.33
CA GLU A 237 21.88 -8.72 -22.73
C GLU A 237 20.64 -9.13 -23.55
N GLY A 238 19.63 -8.27 -23.47
CA GLY A 238 18.39 -8.46 -24.20
C GLY A 238 17.46 -9.52 -23.66
N LYS A 239 17.78 -10.16 -22.54
CA LYS A 239 16.90 -11.17 -21.97
C LYS A 239 16.17 -10.60 -20.76
N LEU A 240 14.85 -10.72 -20.77
CA LEU A 240 14.00 -10.20 -19.70
C LEU A 240 14.09 -11.09 -18.46
N LEU A 241 14.41 -10.49 -17.31
CA LEU A 241 14.64 -11.26 -16.10
C LEU A 241 13.61 -10.99 -15.01
N SER A 242 13.46 -9.74 -14.56
CA SER A 242 12.52 -9.47 -13.49
C SER A 242 12.09 -8.01 -13.53
N THR A 243 10.93 -7.73 -12.92
CA THR A 243 10.42 -6.36 -12.90
C THR A 243 9.84 -6.05 -11.52
N GLY A 244 9.55 -4.78 -11.31
CA GLY A 244 8.84 -4.35 -10.12
C GLY A 244 8.13 -3.05 -10.40
N ILE A 245 6.98 -2.85 -9.76
CA ILE A 245 6.25 -1.58 -9.83
C ILE A 245 6.37 -0.88 -8.48
N ALA A 246 6.77 0.39 -8.48
CA ALA A 246 6.88 1.16 -7.25
C ALA A 246 6.07 2.44 -7.39
N LEU A 247 5.38 2.82 -6.30
CA LEU A 247 4.57 4.03 -6.27
C LEU A 247 5.13 4.97 -5.22
N LYS A 248 5.39 6.20 -5.62
CA LYS A 248 5.90 7.24 -4.72
C LYS A 248 4.75 8.18 -4.35
N TYR A 249 4.46 8.28 -3.06
CA TYR A 249 3.30 9.03 -2.57
C TYR A 249 3.52 9.35 -1.10
N GLY A 250 3.24 10.59 -0.72
CA GLY A 250 3.42 10.95 0.69
C GLY A 250 4.87 10.80 1.13
N ARG A 251 5.08 10.10 2.24
CA ARG A 251 6.39 9.93 2.84
C ARG A 251 7.12 8.67 2.39
N LYS A 252 6.62 7.95 1.39
CA LYS A 252 7.21 6.67 1.09
C LYS A 252 7.17 6.36 -0.41
N ILE A 253 8.10 5.52 -0.81
CA ILE A 253 8.08 4.82 -2.07
C ILE A 253 7.74 3.38 -1.73
N TRP A 254 6.73 2.82 -2.38
CA TRP A 254 6.15 1.54 -2.03
C TRP A 254 6.36 0.56 -3.18
N TYR A 255 7.06 -0.53 -2.89
CA TYR A 255 7.28 -1.59 -3.87
C TYR A 255 6.07 -2.50 -3.81
N MET A 256 5.16 -2.34 -4.79
CA MET A 256 3.82 -2.97 -4.71
C MET A 256 3.67 -4.26 -5.49
N TYR A 257 4.31 -4.37 -6.65
CA TYR A 257 4.10 -5.49 -7.55
C TYR A 257 5.42 -5.92 -8.14
N ALA A 258 5.62 -7.23 -8.29
CA ALA A 258 6.83 -7.73 -8.89
C ALA A 258 6.53 -8.96 -9.74
N GLY A 259 7.45 -9.24 -10.65
CA GLY A 259 7.46 -10.48 -11.41
C GLY A 259 8.88 -10.85 -11.78
N SER A 260 9.09 -12.13 -12.09
CA SER A 260 10.39 -12.63 -12.50
C SER A 260 10.22 -13.88 -13.36
N MET A 261 11.07 -14.03 -14.37
CA MET A 261 10.95 -15.19 -15.26
C MET A 261 11.41 -16.47 -14.54
N ASP A 262 11.13 -17.60 -15.19
CA ASP A 262 11.55 -18.92 -14.72
C ASP A 262 13.07 -19.06 -14.77
N GLY A 263 13.58 -20.03 -14.00
CA GLY A 263 14.99 -20.38 -14.06
C GLY A 263 15.90 -19.32 -13.47
N ASN A 264 17.11 -19.24 -14.03
CA ASN A 264 18.15 -18.37 -13.46
C ASN A 264 17.83 -16.91 -13.77
N THR A 265 17.65 -16.11 -12.72
CA THR A 265 17.36 -14.68 -12.86
C THR A 265 18.61 -13.83 -12.69
N TYR A 266 19.78 -14.42 -12.43
CA TYR A 266 21.00 -13.67 -12.21
C TYR A 266 20.86 -12.64 -11.08
N TYR A 267 20.04 -12.97 -10.06
CA TYR A 267 19.78 -12.09 -8.92
C TYR A 267 19.18 -10.76 -9.34
N ALA A 268 18.60 -10.70 -10.54
CA ALA A 268 17.91 -9.50 -11.00
C ALA A 268 16.94 -8.88 -9.99
N PRO A 269 16.19 -9.64 -9.18
CA PRO A 269 15.31 -8.99 -8.19
C PRO A 269 16.07 -8.11 -7.19
N TYR A 270 17.34 -8.43 -6.90
CA TYR A 270 18.14 -7.55 -6.05
C TYR A 270 18.44 -6.25 -6.76
N ALA A 271 18.63 -6.29 -8.07
CA ALA A 271 18.96 -5.11 -8.84
C ALA A 271 17.76 -4.19 -8.94
N VAL A 272 16.56 -4.76 -9.04
CA VAL A 272 15.35 -3.93 -9.08
C VAL A 272 15.20 -3.18 -7.75
N GLN A 273 15.32 -3.89 -6.63
CA GLN A 273 15.28 -3.25 -5.32
C GLN A 273 16.32 -2.14 -5.20
N SER A 274 17.55 -2.42 -5.63
CA SER A 274 18.59 -1.41 -5.54
C SER A 274 18.19 -0.13 -6.27
N GLU A 275 17.55 -0.26 -7.45
CA GLU A 275 17.19 0.94 -8.21
C GLU A 275 15.96 1.64 -7.62
N MET A 276 15.03 0.88 -7.05
CA MET A 276 13.87 1.48 -6.39
C MET A 276 14.32 2.29 -5.17
N ILE A 277 15.20 1.70 -4.37
CA ILE A 277 15.81 2.42 -3.24
C ILE A 277 16.54 3.65 -3.74
N GLN A 278 17.28 3.53 -4.85
CA GLN A 278 17.98 4.70 -5.38
C GLN A 278 17.00 5.82 -5.70
N TRP A 279 15.88 5.49 -6.34
CA TRP A 279 14.82 6.48 -6.57
C TRP A 279 14.43 7.20 -5.28
N ALA A 280 14.23 6.44 -4.19
CA ALA A 280 13.86 7.05 -2.91
C ALA A 280 14.96 7.99 -2.41
N LEU A 281 16.22 7.57 -2.51
CA LEU A 281 17.32 8.45 -2.14
C LEU A 281 17.33 9.72 -2.98
N ASP A 282 17.13 9.58 -4.31
CA ASP A 282 17.26 10.72 -5.22
C ASP A 282 16.14 11.75 -5.02
N THR A 283 14.99 11.31 -4.52
CA THR A 283 13.86 12.21 -4.28
C THR A 283 13.71 12.59 -2.81
N ASN A 284 14.69 12.23 -1.97
CA ASN A 284 14.67 12.51 -0.54
C ASN A 284 13.38 12.03 0.12
N THR A 285 13.00 10.79 -0.20
CA THR A 285 11.83 10.17 0.40
C THR A 285 12.18 9.58 1.75
N ASP A 286 11.28 9.75 2.73
CA ASP A 286 11.53 9.27 4.09
C ASP A 286 11.61 7.75 4.18
N LEU A 287 10.73 7.04 3.46
CA LEU A 287 10.54 5.62 3.68
C LEU A 287 10.52 4.85 2.38
N TYR A 288 11.08 3.64 2.42
CA TYR A 288 10.96 2.66 1.36
C TYR A 288 10.26 1.44 1.94
N ASP A 289 9.07 1.14 1.42
CA ASP A 289 8.17 0.13 1.99
C ASP A 289 8.16 -1.08 1.06
N LEU A 290 8.73 -2.19 1.53
CA LEU A 290 8.75 -3.44 0.78
C LEU A 290 7.49 -4.26 0.99
N GLY A 291 6.59 -3.81 1.86
CA GLY A 291 5.29 -4.46 2.00
C GLY A 291 5.30 -5.70 2.88
N GLY A 292 4.24 -6.49 2.72
CA GLY A 292 3.87 -7.42 3.77
C GLY A 292 4.72 -8.69 3.82
N ILE A 293 4.74 -9.25 5.02
CA ILE A 293 5.28 -10.58 5.31
C ILE A 293 4.23 -11.34 6.11
N GLU A 294 4.40 -12.67 6.16
CA GLU A 294 3.55 -13.47 7.05
C GLU A 294 4.02 -13.42 8.50
N SER A 295 5.30 -13.69 8.73
CA SER A 295 5.80 -13.70 10.09
C SER A 295 7.29 -13.38 10.07
N GLU A 296 7.77 -12.80 11.18
CA GLU A 296 9.17 -12.45 11.33
C GLU A 296 9.97 -13.73 11.58
N SER A 297 10.12 -14.57 10.56
CA SER A 297 10.75 -15.87 10.74
C SER A 297 11.43 -16.32 9.46
N THR A 298 12.58 -16.97 9.60
CA THR A 298 13.30 -17.48 8.45
C THR A 298 12.55 -18.59 7.70
N ASP A 299 11.43 -19.09 8.25
CA ASP A 299 10.53 -19.98 7.53
C ASP A 299 9.64 -19.24 6.53
N ASP A 300 9.60 -17.91 6.59
CA ASP A 300 8.77 -17.10 5.70
C ASP A 300 9.67 -16.54 4.61
N SER A 301 9.47 -17.03 3.38
CA SER A 301 10.33 -16.61 2.27
C SER A 301 10.14 -15.13 1.96
N LEU A 302 8.95 -14.58 2.24
CA LEU A 302 8.74 -13.15 2.12
C LEU A 302 9.69 -12.39 3.06
N TYR A 303 9.70 -12.75 4.35
CA TYR A 303 10.56 -12.08 5.30
C TYR A 303 12.03 -12.27 4.95
N VAL A 304 12.40 -13.46 4.48
CA VAL A 304 13.82 -13.75 4.21
C VAL A 304 14.34 -12.86 3.09
N PHE A 305 13.60 -12.76 1.98
CA PHE A 305 14.02 -11.90 0.89
C PHE A 305 14.05 -10.43 1.34
N LYS A 306 12.96 -9.95 1.92
CA LYS A 306 12.88 -8.55 2.35
C LYS A 306 13.85 -8.23 3.49
N HIS A 307 14.21 -9.23 4.31
CA HIS A 307 15.18 -9.00 5.38
C HIS A 307 16.57 -8.64 4.83
N VAL A 308 16.85 -8.97 3.57
CA VAL A 308 18.10 -8.55 2.95
C VAL A 308 18.18 -7.04 2.92
N PHE A 309 17.02 -6.36 2.77
CA PHE A 309 17.02 -4.92 2.57
C PHE A 309 16.59 -4.15 3.82
N VAL A 310 15.96 -4.81 4.79
CA VAL A 310 15.44 -4.18 5.99
C VAL A 310 15.96 -4.99 7.17
N LYS A 311 16.99 -4.49 7.85
CA LYS A 311 17.49 -5.18 9.04
C LYS A 311 16.71 -4.84 10.30
N ASP A 312 16.04 -3.69 10.34
CA ASP A 312 15.15 -3.42 11.46
C ASP A 312 13.98 -4.40 11.50
N ALA A 313 13.31 -4.40 12.65
CA ALA A 313 12.15 -5.24 12.84
C ALA A 313 11.06 -4.82 11.87
N PRO A 314 10.20 -5.75 11.47
CA PRO A 314 8.99 -5.38 10.72
C PRO A 314 8.14 -4.41 11.52
N ARG A 315 7.51 -3.48 10.82
CA ARG A 315 6.49 -2.63 11.44
C ARG A 315 5.19 -3.42 11.55
N GLU A 316 4.55 -3.33 12.72
CA GLU A 316 3.30 -4.03 12.98
C GLU A 316 2.23 -2.98 13.15
N TYR A 317 1.24 -2.96 12.25
CA TYR A 317 0.22 -1.93 12.31
C TYR A 317 -0.97 -2.36 13.17
N ILE A 318 -1.81 -1.37 13.50
CA ILE A 318 -3.04 -1.61 14.25
C ILE A 318 -4.00 -2.55 13.53
N GLY A 319 -3.84 -2.75 12.22
CA GLY A 319 -4.72 -3.66 11.48
C GLY A 319 -6.01 -3.02 11.03
N GLU A 320 -7.12 -3.75 11.10
CA GLU A 320 -8.40 -3.27 10.56
C GLU A 320 -9.26 -2.71 11.68
N ILE A 321 -9.82 -1.53 11.45
CA ILE A 321 -10.69 -0.85 12.40
C ILE A 321 -12.07 -0.75 11.77
N ASP A 322 -13.06 -1.39 12.39
CA ASP A 322 -14.40 -1.52 11.83
C ASP A 322 -15.40 -0.64 12.59
N LYS A 323 -16.00 0.32 11.89
CA LYS A 323 -17.19 1.02 12.35
C LYS A 323 -18.38 0.17 11.94
N VAL A 324 -18.94 -0.58 12.89
CA VAL A 324 -20.03 -1.52 12.62
C VAL A 324 -21.32 -0.71 12.51
N LEU A 325 -22.00 -0.85 11.38
CA LEU A 325 -23.23 -0.11 11.11
C LEU A 325 -24.47 -0.99 11.11
N ASP A 326 -24.38 -2.20 10.54
CA ASP A 326 -25.42 -3.23 10.60
C ASP A 326 -24.86 -4.43 11.35
N PRO A 327 -25.12 -4.56 12.65
CA PRO A 327 -24.47 -5.66 13.40
C PRO A 327 -24.91 -7.05 12.98
N GLU A 328 -26.14 -7.22 12.48
CA GLU A 328 -26.56 -8.56 12.09
C GLU A 328 -25.77 -9.05 10.87
N VAL A 329 -25.63 -8.20 9.85
CA VAL A 329 -24.83 -8.56 8.68
C VAL A 329 -23.34 -8.66 9.04
N TYR A 330 -22.87 -7.79 9.95
CA TYR A 330 -21.47 -7.85 10.38
C TYR A 330 -21.14 -9.19 11.02
N ALA A 331 -22.01 -9.67 11.91
CA ALA A 331 -21.76 -10.97 12.51
C ALA A 331 -21.86 -12.10 11.48
N GLU A 332 -22.68 -11.93 10.44
CA GLU A 332 -22.76 -12.97 9.41
C GLU A 332 -21.47 -13.05 8.60
N LEU A 333 -20.91 -11.89 8.23
CA LEU A 333 -19.82 -11.84 7.25
C LEU A 333 -18.43 -11.77 7.84
N VAL A 334 -18.27 -11.40 9.12
CA VAL A 334 -16.96 -11.18 9.73
C VAL A 334 -16.83 -12.06 10.97
N LYS A 335 -15.71 -12.79 11.08
CA LYS A 335 -15.38 -13.56 12.27
C LYS A 335 -14.27 -12.86 13.04
N ASP A 336 -14.42 -12.75 14.36
CA ASP A 336 -13.52 -11.94 15.16
C ASP A 336 -12.37 -12.73 15.79
N GLY A 337 -12.05 -13.90 15.24
CA GLY A 337 -10.87 -14.65 15.68
C GLY A 337 -10.99 -15.32 17.05
N ALA C 1 -6.59 -12.55 -4.81
CA ALA C 1 -6.71 -13.18 -3.49
C ALA C 1 -5.34 -13.56 -2.95
N CYS C 3 -1.80 -10.21 -2.83
CA CYS C 3 -1.18 -9.69 -1.59
C CYS C 3 -1.79 -8.32 -1.22
#